data_7JKB
#
_entry.id   7JKB
#
_cell.length_a   70.480
_cell.length_b   195.000
_cell.length_c   91.490
_cell.angle_alpha   90.000
_cell.angle_beta   90.000
_cell.angle_gamma   90.000
#
_symmetry.space_group_name_H-M   'C 2 2 21'
#
loop_
_entity.id
_entity.type
_entity.pdbx_description
1 polymer Anti-lysozyme
2 polymer Anti-Her2
3 water water
#
loop_
_entity_poly.entity_id
_entity_poly.type
_entity_poly.pdbx_seq_one_letter_code
_entity_poly.pdbx_strand_id
1 'polypeptide(L)'
;EVQLLESGGGLVQPGGSLRLSCAASGFRISDEDMGWVRQAPGKGLEWVSSIYGPSGSTYYADSVKGRFTISRDNSKNTLY
LQMNSLRAEDTAVYYCASALEPLSEPLGFWGQGTLVTVSSGQPKAAPSVTLFPPSSEELQANKATLVCLISDFYPGAVTV
AWKADSSPVKAGVETTTPSKQSNNKYAASSYLSLTPEQWKSHRSYSCQVTHEGSTVEKTVAPTECS
;
A
2 'polypeptide(L)'
;QVQLVESGGGLIKPGGSLRLSCAASGFTVSYESMGWVRQAPGKGLEWVSAISSSGGSTYYADSVKGRFTISRDNSKNTVY
LQMNSLRAEDTAVYYCVTPERQCKQSTCYARPRYWGQGTMVTVSSASTKGPSVFPLAPSSKSTSGGTAALGCLVKDYFPE
PVTVSWNSGALTSGVHTFPAVLQSSGLYSLSSVVTVPSSSLGTQTYICNVNHKPSNTKVDKKVEPKSCDKTHTHHHHHH
;
B
#
# COMPACT_ATOMS: atom_id res chain seq x y z
N GLU A 1 11.09 20.83 7.02
CA GLU A 1 10.87 19.56 7.70
C GLU A 1 11.92 18.53 7.29
N VAL A 2 12.36 17.72 8.27
CA VAL A 2 13.34 16.68 7.97
C VAL A 2 12.69 15.60 7.13
N GLN A 3 13.53 14.87 6.38
CA GLN A 3 13.05 13.83 5.48
C GLN A 3 14.06 12.71 5.42
N LEU A 4 13.56 11.51 5.14
CA LEU A 4 14.39 10.31 4.96
C LEU A 4 13.95 9.65 3.66
N LEU A 5 14.72 9.84 2.60
CA LEU A 5 14.39 9.27 1.29
C LEU A 5 15.24 8.02 1.06
N GLU A 6 14.59 6.95 0.67
CA GLU A 6 15.23 5.65 0.47
C GLU A 6 15.50 5.40 -1.00
N SER A 7 16.63 4.74 -1.27
CA SER A 7 16.98 4.29 -2.61
C SER A 7 17.53 2.88 -2.51
N GLY A 8 17.72 2.24 -3.66
CA GLY A 8 18.20 0.87 -3.70
C GLY A 8 17.07 -0.14 -3.60
N GLY A 9 17.47 -1.40 -3.61
CA GLY A 9 16.52 -2.50 -3.57
C GLY A 9 16.09 -2.93 -4.96
N GLY A 10 15.59 -4.16 -5.02
CA GLY A 10 15.15 -4.71 -6.29
C GLY A 10 14.91 -6.20 -6.21
N LEU A 11 15.17 -6.88 -7.33
CA LEU A 11 14.99 -8.32 -7.46
C LEU A 11 16.35 -9.00 -7.45
N VAL A 12 16.44 -10.13 -6.76
CA VAL A 12 17.69 -10.85 -6.59
C VAL A 12 17.39 -12.34 -6.43
N GLN A 13 18.26 -13.19 -6.99
CA GLN A 13 18.11 -14.63 -6.80
C GLN A 13 18.79 -15.06 -5.51
N PRO A 14 18.34 -16.17 -4.91
CA PRO A 14 18.94 -16.62 -3.65
C PRO A 14 20.45 -16.68 -3.71
N GLY A 15 21.09 -16.05 -2.72
CA GLY A 15 22.53 -15.93 -2.66
C GLY A 15 23.06 -14.56 -3.05
N GLY A 16 22.25 -13.76 -3.76
CA GLY A 16 22.68 -12.45 -4.18
C GLY A 16 22.70 -11.45 -3.02
N SER A 17 23.00 -10.21 -3.37
CA SER A 17 23.16 -9.16 -2.37
C SER A 17 22.61 -7.84 -2.88
N LEU A 18 22.22 -6.98 -1.94
CA LEU A 18 21.72 -5.64 -2.25
C LEU A 18 22.23 -4.67 -1.18
N ARG A 19 22.11 -3.38 -1.49
CA ARG A 19 22.43 -2.32 -0.54
C ARG A 19 21.33 -1.28 -0.58
N LEU A 20 20.72 -1.02 0.56
CA LEU A 20 19.69 0.01 0.68
C LEU A 20 20.32 1.28 1.24
N SER A 21 19.87 2.42 0.71
CA SER A 21 20.35 3.72 1.14
C SER A 21 19.21 4.51 1.76
N CYS A 22 19.56 5.33 2.75
CA CYS A 22 18.60 6.21 3.42
C CYS A 22 19.22 7.60 3.49
N ALA A 23 18.75 8.52 2.65
CA ALA A 23 19.28 9.87 2.60
C ALA A 23 18.65 10.70 3.71
N ALA A 24 19.49 11.22 4.61
CA ALA A 24 19.02 12.04 5.72
C ALA A 24 19.06 13.51 5.32
N SER A 25 17.95 14.21 5.55
CA SER A 25 17.85 15.64 5.29
C SER A 25 17.32 16.34 6.53
N GLY A 26 17.91 17.48 6.87
CA GLY A 26 17.51 18.23 8.03
C GLY A 26 18.17 17.80 9.32
N PHE A 27 18.96 16.74 9.31
CA PHE A 27 19.67 16.28 10.49
C PHE A 27 20.77 15.32 10.04
N ARG A 28 21.68 15.02 10.97
CA ARG A 28 22.80 14.13 10.72
C ARG A 28 22.55 12.77 11.36
N ILE A 29 22.90 11.71 10.62
CA ILE A 29 22.58 10.34 11.01
C ILE A 29 23.33 9.86 12.22
N SER A 30 24.35 10.59 12.68
CA SER A 30 25.22 10.08 13.74
C SER A 30 24.61 10.24 15.13
N ASP A 31 24.01 11.39 15.42
CA ASP A 31 23.42 11.65 16.73
C ASP A 31 22.15 10.85 16.97
N GLU A 32 21.58 10.25 15.93
CA GLU A 32 20.26 9.63 16.00
C GLU A 32 20.38 8.16 15.67
N ASP A 33 19.81 7.33 16.55
CA ASP A 33 19.90 5.87 16.38
C ASP A 33 18.89 5.45 15.33
N MET A 34 19.39 5.11 14.15
CA MET A 34 18.54 4.69 13.05
C MET A 34 18.40 3.17 13.04
N GLY A 35 17.42 2.70 12.28
CA GLY A 35 17.19 1.26 12.15
C GLY A 35 16.42 0.97 10.89
N TRP A 36 16.36 -0.32 10.57
CA TRP A 36 15.60 -0.81 9.42
C TRP A 36 14.56 -1.81 9.89
N VAL A 37 13.36 -1.70 9.32
CA VAL A 37 12.25 -2.60 9.58
C VAL A 37 11.70 -3.06 8.25
N ARG A 38 11.34 -4.33 8.15
CA ARG A 38 10.79 -4.88 6.92
C ARG A 38 9.31 -5.22 7.10
N GLN A 39 8.56 -5.07 6.01
CA GLN A 39 7.12 -5.27 6.03
C GLN A 39 6.76 -6.36 5.03
N ALA A 40 6.08 -7.39 5.51
CA ALA A 40 5.62 -8.50 4.69
C ALA A 40 4.19 -8.85 5.10
N PRO A 41 3.35 -9.28 4.15
CA PRO A 41 1.97 -9.62 4.49
C PRO A 41 1.92 -10.78 5.48
N GLY A 42 1.19 -10.58 6.58
CA GLY A 42 1.14 -11.54 7.66
C GLY A 42 2.31 -11.51 8.60
N LYS A 43 3.34 -10.71 8.31
CA LYS A 43 4.52 -10.61 9.15
C LYS A 43 4.63 -9.26 9.86
N GLY A 44 3.69 -8.34 9.62
CA GLY A 44 3.71 -7.04 10.24
C GLY A 44 4.98 -6.28 9.93
N LEU A 45 5.40 -5.46 10.91
CA LEU A 45 6.63 -4.70 10.81
C LEU A 45 7.61 -5.24 11.84
N GLU A 46 8.73 -5.80 11.38
CA GLU A 46 9.71 -6.43 12.23
C GLU A 46 11.05 -5.73 12.06
N TRP A 47 11.67 -5.33 13.17
CA TRP A 47 12.98 -4.70 13.12
C TRP A 47 14.04 -5.74 12.78
N VAL A 48 14.87 -5.41 11.79
CA VAL A 48 15.94 -6.31 11.37
C VAL A 48 17.32 -5.81 11.79
N SER A 49 17.50 -4.50 11.96
CA SER A 49 18.80 -3.96 12.32
C SER A 49 18.62 -2.54 12.81
N SER A 50 19.52 -2.12 13.70
CA SER A 50 19.51 -0.76 14.22
C SER A 50 20.89 -0.43 14.75
N ILE A 51 21.35 0.78 14.47
CA ILE A 51 22.65 1.27 14.94
C ILE A 51 22.44 2.21 16.10
N TYR A 52 23.31 2.12 17.10
CA TYR A 52 23.12 2.83 18.37
C TYR A 52 24.29 3.79 18.60
N GLY A 53 24.16 5.01 18.06
CA GLY A 53 25.05 6.11 18.37
C GLY A 53 26.51 5.92 18.00
N PRO A 54 27.37 6.85 18.46
CA PRO A 54 28.80 6.82 18.05
C PRO A 54 29.55 5.55 18.43
N SER A 55 29.16 4.84 19.49
CA SER A 55 29.89 3.65 19.88
C SER A 55 29.83 2.56 18.81
N GLY A 56 28.99 2.71 17.80
CA GLY A 56 28.92 1.73 16.73
C GLY A 56 28.32 0.41 17.13
N SER A 57 27.82 0.28 18.35
CA SER A 57 27.17 -0.96 18.76
C SER A 57 25.88 -1.15 17.97
N THR A 58 25.66 -2.38 17.51
CA THR A 58 24.61 -2.67 16.55
C THR A 58 23.74 -3.80 17.03
N TYR A 59 22.46 -3.73 16.68
CA TYR A 59 21.50 -4.82 16.90
C TYR A 59 21.15 -5.46 15.58
N TYR A 60 21.02 -6.79 15.59
CA TYR A 60 20.57 -7.54 14.43
C TYR A 60 19.58 -8.60 14.88
N ALA A 61 18.52 -8.79 14.11
CA ALA A 61 17.66 -9.94 14.32
C ALA A 61 18.45 -11.23 14.08
N ASP A 62 18.06 -12.29 14.77
CA ASP A 62 18.81 -13.55 14.68
C ASP A 62 18.88 -14.08 13.26
N SER A 63 17.85 -13.82 12.45
CA SER A 63 17.79 -14.35 11.09
C SER A 63 18.67 -13.57 10.11
N VAL A 64 19.21 -12.42 10.51
CA VAL A 64 20.02 -11.61 9.61
C VAL A 64 21.44 -11.39 10.12
N LYS A 65 21.75 -11.77 11.35
CA LYS A 65 23.10 -11.61 11.86
C LYS A 65 24.06 -12.49 11.07
N GLY A 66 25.20 -11.92 10.69
CA GLY A 66 26.15 -12.59 9.85
C GLY A 66 25.89 -12.44 8.35
N ARG A 67 24.78 -11.81 7.98
CA ARG A 67 24.44 -11.57 6.58
C ARG A 67 24.25 -10.10 6.28
N PHE A 68 23.58 -9.36 7.16
CA PHE A 68 23.29 -7.95 6.94
C PHE A 68 24.27 -7.08 7.71
N THR A 69 24.46 -5.85 7.24
CA THR A 69 25.38 -4.91 7.87
C THR A 69 24.75 -3.52 7.88
N ILE A 70 24.62 -2.95 9.07
CA ILE A 70 24.19 -1.58 9.25
C ILE A 70 25.42 -0.68 9.22
N SER A 71 25.26 0.54 8.71
CA SER A 71 26.40 1.43 8.57
C SER A 71 25.92 2.85 8.31
N ARG A 72 26.72 3.82 8.76
CA ARG A 72 26.50 5.23 8.51
C ARG A 72 27.67 5.80 7.73
N ASP A 73 27.37 6.66 6.75
CA ASP A 73 28.36 7.46 6.06
C ASP A 73 28.03 8.92 6.36
N ASN A 74 28.76 9.52 7.30
CA ASN A 74 28.43 10.87 7.73
C ASN A 74 28.91 11.93 6.74
N SER A 75 29.96 11.63 5.97
CA SER A 75 30.38 12.56 4.92
C SER A 75 29.33 12.68 3.82
N LYS A 76 28.40 11.74 3.75
CA LYS A 76 27.28 11.81 2.81
C LYS A 76 25.93 11.80 3.51
N ASN A 77 25.90 11.72 4.85
CA ASN A 77 24.66 11.82 5.63
C ASN A 77 23.66 10.74 5.23
N THR A 78 24.16 9.50 5.11
CA THR A 78 23.37 8.40 4.58
C THR A 78 23.48 7.19 5.50
N LEU A 79 22.35 6.54 5.74
CA LEU A 79 22.29 5.28 6.46
C LEU A 79 22.20 4.14 5.46
N TYR A 80 23.11 3.17 5.56
CA TYR A 80 23.18 2.06 4.64
C TYR A 80 22.76 0.75 5.32
N LEU A 81 22.32 -0.19 4.51
CA LEU A 81 22.02 -1.56 4.97
C LEU A 81 22.46 -2.52 3.87
N GLN A 82 23.64 -3.11 4.05
CA GLN A 82 24.11 -4.15 3.15
C GLN A 82 23.43 -5.47 3.48
N MET A 83 22.93 -6.16 2.46
CA MET A 83 22.18 -7.40 2.63
C MET A 83 22.79 -8.48 1.75
N ASN A 84 23.65 -9.31 2.33
CA ASN A 84 24.31 -10.39 1.60
C ASN A 84 23.67 -11.73 1.93
N SER A 85 23.91 -12.71 1.05
CA SER A 85 23.41 -14.08 1.21
C SER A 85 21.91 -14.10 1.43
N LEU A 86 21.19 -13.39 0.56
CA LEU A 86 19.76 -13.21 0.72
C LEU A 86 19.02 -14.52 0.45
N ARG A 87 17.93 -14.71 1.20
CA ARG A 87 17.08 -15.88 1.06
C ARG A 87 15.65 -15.42 0.73
N ALA A 88 14.79 -16.39 0.43
CA ALA A 88 13.42 -16.07 0.05
C ALA A 88 12.65 -15.39 1.18
N GLU A 89 12.94 -15.74 2.43
CA GLU A 89 12.26 -15.15 3.56
C GLU A 89 12.60 -13.67 3.75
N ASP A 90 13.65 -13.17 3.11
CA ASP A 90 14.02 -11.77 3.21
C ASP A 90 13.15 -10.85 2.36
N THR A 91 12.28 -11.42 1.52
CA THR A 91 11.45 -10.61 0.64
C THR A 91 10.43 -9.82 1.45
N ALA A 92 10.50 -8.49 1.35
CA ALA A 92 9.64 -7.60 2.11
C ALA A 92 9.87 -6.17 1.63
N VAL A 93 9.04 -5.27 2.14
CA VAL A 93 9.23 -3.83 1.94
C VAL A 93 10.04 -3.31 3.12
N TYR A 94 11.21 -2.75 2.84
CA TYR A 94 12.15 -2.34 3.88
C TYR A 94 12.04 -0.83 4.09
N TYR A 95 11.78 -0.43 5.33
CA TYR A 95 11.59 0.96 5.70
C TYR A 95 12.77 1.47 6.51
N CYS A 96 13.21 2.68 6.20
CA CYS A 96 14.20 3.37 7.00
C CYS A 96 13.50 4.01 8.20
N ALA A 97 14.00 3.73 9.40
CA ALA A 97 13.38 4.21 10.63
C ALA A 97 14.44 4.84 11.52
N SER A 98 14.05 5.88 12.25
CA SER A 98 14.93 6.61 13.15
C SER A 98 14.58 6.28 14.60
N ALA A 99 15.39 6.83 15.51
CA ALA A 99 14.99 6.88 16.90
C ALA A 99 13.71 7.68 17.04
N LEU A 100 13.06 7.50 18.19
CA LEU A 100 11.64 7.81 18.28
C LEU A 100 11.33 9.14 18.96
N GLU A 101 12.31 9.81 19.61
CA GLU A 101 12.18 11.15 20.20
C GLU A 101 10.75 11.49 20.62
N PRO A 102 10.20 10.88 21.67
CA PRO A 102 8.74 10.91 21.89
C PRO A 102 8.17 12.26 22.33
N LEU A 103 9.00 13.23 22.69
CA LEU A 103 8.48 14.54 23.10
C LEU A 103 8.54 15.58 21.98
N SER A 104 8.60 15.13 20.72
CA SER A 104 8.82 15.99 19.58
C SER A 104 7.55 16.13 18.74
N GLU A 105 7.68 16.85 17.61
CA GLU A 105 6.51 17.19 16.81
C GLU A 105 5.82 15.96 16.24
N PRO A 106 6.48 15.09 15.45
CA PRO A 106 6.02 13.70 15.40
C PRO A 106 6.91 12.87 16.31
N LEU A 107 6.52 11.64 16.59
CA LEU A 107 7.40 10.79 17.40
C LEU A 107 8.53 10.25 16.53
N GLY A 108 8.22 9.36 15.59
CA GLY A 108 9.22 8.77 14.73
C GLY A 108 9.15 9.29 13.30
N PHE A 109 10.23 9.02 12.56
CA PHE A 109 10.33 9.38 11.16
C PHE A 109 10.60 8.12 10.34
N TRP A 110 9.97 8.04 9.17
CA TRP A 110 10.03 6.85 8.33
C TRP A 110 10.50 7.21 6.94
N GLY A 111 11.24 6.29 6.33
CA GLY A 111 11.53 6.37 4.91
C GLY A 111 10.35 5.91 4.08
N GLN A 112 10.43 6.14 2.78
CA GLN A 112 9.33 5.79 1.90
C GLN A 112 9.13 4.28 1.81
N GLY A 113 10.21 3.51 1.92
CA GLY A 113 10.11 2.07 1.84
C GLY A 113 10.24 1.53 0.44
N THR A 114 11.30 0.75 0.19
CA THR A 114 11.55 0.14 -1.10
C THR A 114 11.37 -1.37 -1.01
N LEU A 115 10.87 -1.96 -2.09
CA LEU A 115 10.63 -3.39 -2.13
C LEU A 115 11.93 -4.14 -2.39
N VAL A 116 12.14 -5.21 -1.62
CA VAL A 116 13.27 -6.12 -1.81
C VAL A 116 12.69 -7.51 -2.03
N THR A 117 12.96 -8.09 -3.19
CA THR A 117 12.40 -9.38 -3.58
C THR A 117 13.52 -10.36 -3.84
N VAL A 118 13.39 -11.58 -3.31
CA VAL A 118 14.36 -12.64 -3.49
C VAL A 118 13.62 -13.88 -3.99
N SER A 119 13.78 -14.18 -5.27
CA SER A 119 13.18 -15.37 -5.86
C SER A 119 14.07 -15.85 -7.00
N SER A 120 13.84 -17.09 -7.42
CA SER A 120 14.68 -17.74 -8.43
C SER A 120 13.96 -17.94 -9.75
N GLY A 121 12.83 -18.65 -9.75
CA GLY A 121 12.18 -19.03 -10.99
C GLY A 121 11.45 -17.92 -11.70
N GLN A 122 11.39 -16.72 -11.13
CA GLN A 122 10.63 -15.62 -11.71
C GLN A 122 11.57 -14.55 -12.25
N PRO A 123 11.51 -14.25 -13.54
CA PRO A 123 12.37 -13.20 -14.09
C PRO A 123 11.74 -11.81 -14.01
N LYS A 124 12.46 -10.79 -14.47
CA LYS A 124 11.91 -9.45 -14.53
C LYS A 124 10.75 -9.40 -15.53
N ALA A 125 9.84 -8.45 -15.32
CA ALA A 125 8.68 -8.31 -16.18
C ALA A 125 8.25 -6.85 -16.22
N ALA A 126 8.24 -6.26 -17.42
CA ALA A 126 7.75 -4.92 -17.62
C ALA A 126 6.22 -4.92 -17.67
N PRO A 127 5.57 -3.86 -17.18
CA PRO A 127 4.11 -3.89 -17.05
C PRO A 127 3.39 -3.53 -18.34
N SER A 128 2.27 -4.21 -18.57
CA SER A 128 1.35 -3.86 -19.63
C SER A 128 0.38 -2.79 -19.12
N VAL A 129 0.28 -1.69 -19.85
CA VAL A 129 -0.50 -0.53 -19.42
C VAL A 129 -1.46 -0.13 -20.52
N THR A 130 -2.73 -0.01 -20.19
CA THR A 130 -3.74 0.54 -21.08
C THR A 130 -4.51 1.61 -20.32
N LEU A 131 -4.76 2.73 -20.98
CA LEU A 131 -5.43 3.89 -20.37
C LEU A 131 -6.76 4.13 -21.06
N PHE A 132 -7.80 4.32 -20.26
CA PHE A 132 -9.15 4.53 -20.77
C PHE A 132 -9.62 5.94 -20.46
N PRO A 133 -10.05 6.71 -21.46
CA PRO A 133 -10.67 8.01 -21.18
C PRO A 133 -12.04 7.82 -20.57
N PRO A 134 -12.63 8.88 -20.00
CA PRO A 134 -13.98 8.76 -19.42
C PRO A 134 -14.99 8.38 -20.50
N SER A 135 -15.85 7.43 -20.17
CA SER A 135 -16.88 7.00 -21.11
C SER A 135 -17.90 8.11 -21.32
N SER A 136 -18.56 8.05 -22.48
CA SER A 136 -19.59 9.04 -22.79
C SER A 136 -20.77 8.90 -21.85
N GLU A 137 -21.13 7.67 -21.50
CA GLU A 137 -22.22 7.45 -20.54
C GLU A 137 -21.89 8.05 -19.18
N GLU A 138 -20.61 8.11 -18.82
CA GLU A 138 -20.23 8.69 -17.54
C GLU A 138 -20.20 10.20 -17.60
N LEU A 139 -19.62 10.77 -18.67
CA LEU A 139 -19.59 12.23 -18.82
C LEU A 139 -21.00 12.79 -18.91
N GLN A 140 -21.92 12.06 -19.55
CA GLN A 140 -23.33 12.45 -19.53
C GLN A 140 -23.94 12.31 -18.15
N ALA A 141 -23.28 11.58 -17.24
CA ALA A 141 -23.75 11.41 -15.87
C ALA A 141 -23.04 12.35 -14.89
N ASN A 142 -22.46 13.44 -15.41
CA ASN A 142 -21.91 14.58 -14.67
C ASN A 142 -20.53 14.32 -14.04
N LYS A 143 -19.95 13.13 -14.20
CA LYS A 143 -18.65 12.84 -13.62
C LYS A 143 -17.76 12.16 -14.65
N ALA A 144 -16.45 12.21 -14.41
CA ALA A 144 -15.47 11.66 -15.33
C ALA A 144 -14.38 10.95 -14.53
N THR A 145 -13.94 9.79 -15.03
CA THR A 145 -12.93 8.99 -14.35
C THR A 145 -11.99 8.41 -15.39
N LEU A 146 -10.70 8.75 -15.29
CA LEU A 146 -9.66 8.12 -16.10
C LEU A 146 -9.18 6.86 -15.41
N VAL A 147 -9.14 5.76 -16.14
CA VAL A 147 -8.84 4.44 -15.59
C VAL A 147 -7.55 3.93 -16.22
N CYS A 148 -6.52 3.73 -15.39
CA CYS A 148 -5.22 3.25 -15.84
C CYS A 148 -4.98 1.88 -15.24
N LEU A 149 -4.90 0.85 -16.08
CA LEU A 149 -4.79 -0.53 -15.63
C LEU A 149 -3.42 -1.09 -15.99
N ILE A 150 -2.75 -1.66 -14.99
CA ILE A 150 -1.38 -2.13 -15.09
C ILE A 150 -1.33 -3.59 -14.73
N SER A 151 -0.68 -4.40 -15.57
CA SER A 151 -0.68 -5.84 -15.38
C SER A 151 0.64 -6.43 -15.84
N ASP A 152 0.89 -7.67 -15.39
CA ASP A 152 2.00 -8.50 -15.87
C ASP A 152 3.36 -7.83 -15.62
N PHE A 153 3.61 -7.44 -14.37
CA PHE A 153 4.90 -6.91 -13.99
C PHE A 153 5.43 -7.67 -12.77
N TYR A 154 6.74 -7.84 -12.74
CA TYR A 154 7.44 -8.52 -11.66
C TYR A 154 8.77 -7.82 -11.46
N PRO A 155 9.16 -7.50 -10.22
CA PRO A 155 8.44 -7.76 -8.97
C PRO A 155 7.19 -6.88 -8.79
N GLY A 156 6.43 -7.15 -7.73
CA GLY A 156 5.18 -6.43 -7.50
C GLY A 156 5.34 -5.07 -6.87
N ALA A 157 5.88 -4.11 -7.62
CA ALA A 157 6.04 -2.76 -7.12
C ALA A 157 6.01 -1.79 -8.29
N VAL A 158 5.14 -0.79 -8.20
CA VAL A 158 5.01 0.26 -9.22
C VAL A 158 4.70 1.57 -8.53
N THR A 159 5.00 2.67 -9.23
CA THR A 159 4.61 4.01 -8.81
C THR A 159 4.00 4.71 -10.01
N VAL A 160 2.80 5.26 -9.82
CA VAL A 160 2.01 5.83 -10.92
C VAL A 160 2.04 7.34 -10.80
N ALA A 161 2.28 8.02 -11.93
CA ALA A 161 2.27 9.47 -12.00
C ALA A 161 1.26 9.91 -13.05
N TRP A 162 0.33 10.76 -12.64
CA TRP A 162 -0.67 11.33 -13.54
C TRP A 162 -0.28 12.75 -13.92
N LYS A 163 -0.59 13.13 -15.15
CA LYS A 163 -0.16 14.43 -15.69
C LYS A 163 -1.25 15.01 -16.57
N ALA A 164 -1.84 16.12 -16.14
CA ALA A 164 -2.62 16.95 -17.04
C ALA A 164 -1.67 17.66 -18.00
N ASP A 165 -1.96 17.57 -19.31
CA ASP A 165 -1.07 18.03 -20.35
C ASP A 165 0.39 17.69 -20.06
N SER A 166 1.03 18.51 -19.21
CA SER A 166 2.39 18.26 -18.77
C SER A 166 2.62 18.44 -17.28
N SER A 167 1.80 19.24 -16.58
CA SER A 167 2.00 19.44 -15.15
C SER A 167 1.47 18.25 -14.37
N PRO A 168 2.17 17.81 -13.33
CA PRO A 168 1.68 16.69 -12.52
C PRO A 168 0.42 17.09 -11.76
N VAL A 169 -0.45 16.10 -11.51
CA VAL A 169 -1.71 16.37 -10.87
C VAL A 169 -1.68 15.85 -9.44
N LYS A 170 -2.54 16.44 -8.62
CA LYS A 170 -2.52 16.34 -7.17
C LYS A 170 -3.60 15.43 -6.60
N ALA A 171 -4.83 15.65 -6.99
CA ALA A 171 -6.02 15.19 -6.28
C ALA A 171 -6.82 14.22 -7.14
N GLY A 172 -7.67 13.44 -6.48
CA GLY A 172 -8.46 12.46 -7.18
C GLY A 172 -7.70 11.28 -7.70
N VAL A 173 -6.44 11.09 -7.29
CA VAL A 173 -5.64 9.96 -7.73
C VAL A 173 -5.80 8.84 -6.71
N GLU A 174 -6.29 7.69 -7.17
CA GLU A 174 -6.49 6.50 -6.33
C GLU A 174 -5.87 5.31 -7.05
N THR A 175 -4.80 4.76 -6.50
CA THR A 175 -4.11 3.62 -7.09
C THR A 175 -3.96 2.52 -6.05
N THR A 176 -4.44 1.33 -6.37
CA THR A 176 -4.32 0.20 -5.47
C THR A 176 -2.87 -0.28 -5.37
N THR A 177 -2.58 -1.01 -4.29
CA THR A 177 -1.28 -1.64 -4.16
C THR A 177 -1.24 -2.90 -5.01
N PRO A 178 -0.06 -3.24 -5.55
CA PRO A 178 0.03 -4.39 -6.47
C PRO A 178 -0.48 -5.67 -5.84
N SER A 179 -1.08 -6.51 -6.68
CA SER A 179 -1.69 -7.77 -6.26
C SER A 179 -1.24 -8.88 -7.20
N LYS A 180 -1.01 -10.06 -6.64
CA LYS A 180 -0.52 -11.19 -7.42
C LYS A 180 -1.60 -11.73 -8.35
N GLN A 181 -1.21 -12.09 -9.57
CA GLN A 181 -2.11 -12.63 -10.56
C GLN A 181 -2.05 -14.16 -10.56
N SER A 182 -2.71 -14.77 -11.54
CA SER A 182 -2.69 -16.24 -11.63
C SER A 182 -1.35 -16.74 -12.16
N ASN A 183 -0.76 -16.05 -13.13
CA ASN A 183 0.57 -16.37 -13.62
C ASN A 183 1.67 -15.86 -12.69
N ASN A 184 1.31 -15.51 -11.46
CA ASN A 184 2.23 -15.09 -10.41
C ASN A 184 2.97 -13.80 -10.75
N LYS A 185 2.51 -13.07 -11.76
CA LYS A 185 2.91 -11.68 -11.92
C LYS A 185 1.93 -10.80 -11.15
N TYR A 186 2.09 -9.48 -11.26
CA TYR A 186 1.32 -8.57 -10.43
C TYR A 186 0.49 -7.62 -11.28
N ALA A 187 -0.55 -7.07 -10.65
CA ALA A 187 -1.47 -6.15 -11.30
C ALA A 187 -1.76 -4.99 -10.38
N ALA A 188 -2.10 -3.85 -10.97
CA ALA A 188 -2.42 -2.65 -10.20
C ALA A 188 -3.29 -1.73 -11.05
N SER A 189 -4.11 -0.94 -10.36
CA SER A 189 -5.01 0.01 -11.00
C SER A 189 -4.68 1.42 -10.52
N SER A 190 -5.09 2.40 -11.32
CA SER A 190 -4.89 3.81 -10.99
C SER A 190 -6.03 4.62 -11.59
N TYR A 191 -6.85 5.21 -10.73
CA TYR A 191 -8.00 5.99 -11.15
C TYR A 191 -7.76 7.47 -10.87
N LEU A 192 -8.20 8.32 -11.78
CA LEU A 192 -8.09 9.78 -11.63
C LEU A 192 -9.50 10.37 -11.72
N SER A 193 -10.05 10.76 -10.58
CA SER A 193 -11.34 11.43 -10.56
C SER A 193 -11.23 12.82 -11.16
N LEU A 194 -12.31 13.27 -11.80
CA LEU A 194 -12.24 14.42 -12.68
C LEU A 194 -13.64 14.97 -12.93
N THR A 195 -13.78 16.29 -12.86
CA THR A 195 -15.05 16.91 -13.22
C THR A 195 -15.05 17.30 -14.70
N PRO A 196 -16.15 17.03 -15.42
CA PRO A 196 -16.17 17.16 -16.89
C PRO A 196 -15.57 18.45 -17.43
N GLU A 197 -15.49 19.49 -16.61
CA GLU A 197 -14.91 20.75 -17.05
C GLU A 197 -13.41 20.60 -17.33
N GLN A 198 -12.68 20.01 -16.39
CA GLN A 198 -11.23 19.90 -16.55
C GLN A 198 -10.85 18.92 -17.66
N TRP A 199 -11.68 17.91 -17.90
CA TRP A 199 -11.37 16.93 -18.94
C TRP A 199 -11.46 17.55 -20.32
N LYS A 200 -12.47 18.40 -20.56
CA LYS A 200 -12.63 19.07 -21.84
C LYS A 200 -11.78 20.32 -21.96
N SER A 201 -11.21 20.81 -20.86
CA SER A 201 -10.39 22.02 -20.87
C SER A 201 -8.90 21.71 -20.89
N HIS A 202 -8.52 20.48 -21.24
CA HIS A 202 -7.12 20.08 -21.28
C HIS A 202 -6.84 19.37 -22.60
N ARG A 203 -5.63 19.58 -23.12
CA ARG A 203 -5.26 19.00 -24.40
C ARG A 203 -5.04 17.50 -24.29
N SER A 204 -4.51 17.02 -23.16
CA SER A 204 -4.23 15.60 -23.01
C SER A 204 -4.08 15.27 -21.53
N TYR A 205 -4.25 14.00 -21.22
CA TYR A 205 -3.99 13.43 -19.90
C TYR A 205 -3.14 12.18 -20.09
N SER A 206 -2.20 11.96 -19.17
CA SER A 206 -1.27 10.85 -19.28
C SER A 206 -1.09 10.16 -17.93
N CYS A 207 -0.96 8.83 -17.97
CA CYS A 207 -0.75 8.00 -16.79
C CYS A 207 0.64 7.37 -16.90
N GLN A 208 1.60 7.88 -16.14
CA GLN A 208 2.95 7.37 -16.15
C GLN A 208 3.13 6.38 -15.02
N VAL A 209 3.44 5.14 -15.37
CA VAL A 209 3.76 4.10 -14.39
C VAL A 209 5.20 3.68 -14.62
N THR A 210 5.95 3.57 -13.52
CA THR A 210 7.37 3.25 -13.55
C THR A 210 7.64 2.08 -12.60
N HIS A 211 8.20 1.00 -13.15
CA HIS A 211 8.50 -0.22 -12.41
C HIS A 211 9.96 -0.57 -12.64
N GLU A 212 10.76 -0.57 -11.57
CA GLU A 212 12.22 -0.55 -11.70
C GLU A 212 12.69 0.72 -12.40
N GLY A 213 11.96 1.81 -12.21
CA GLY A 213 12.24 3.06 -12.91
C GLY A 213 11.71 3.10 -14.32
N SER A 214 10.82 2.17 -14.70
CA SER A 214 10.51 1.90 -16.10
C SER A 214 9.34 2.78 -16.53
N THR A 215 9.64 3.94 -17.13
CA THR A 215 8.58 4.82 -17.57
C THR A 215 7.86 4.17 -18.74
N VAL A 216 6.73 3.55 -18.46
CA VAL A 216 5.73 3.23 -19.46
C VAL A 216 4.51 4.07 -19.15
N GLU A 217 3.82 4.53 -20.20
CA GLU A 217 2.80 5.56 -20.05
C GLU A 217 1.84 5.47 -21.22
N LYS A 218 0.68 6.11 -21.06
CA LYS A 218 -0.29 6.24 -22.13
C LYS A 218 -0.90 7.63 -22.04
N THR A 219 -1.34 8.14 -23.18
CA THR A 219 -1.90 9.48 -23.27
C THR A 219 -3.25 9.43 -23.95
N VAL A 220 -4.25 10.07 -23.36
CA VAL A 220 -5.58 10.16 -23.93
C VAL A 220 -5.98 11.62 -24.00
N ALA A 221 -6.85 11.92 -24.96
CA ALA A 221 -7.35 13.27 -25.19
C ALA A 221 -8.83 13.18 -25.55
N PRO A 222 -9.62 14.22 -25.22
CA PRO A 222 -11.03 14.23 -25.64
C PRO A 222 -11.21 14.15 -27.15
N THR A 223 -10.20 14.56 -27.92
CA THR A 223 -10.26 14.48 -29.38
C THR A 223 -10.01 13.05 -29.84
N GLN B 1 12.14 -11.25 17.22
CA GLN B 1 10.91 -11.08 16.47
C GLN B 1 9.90 -12.18 16.81
N VAL B 2 8.99 -11.88 17.73
CA VAL B 2 8.00 -12.84 18.21
C VAL B 2 6.61 -12.21 18.09
N GLN B 3 5.65 -13.01 17.64
CA GLN B 3 4.34 -12.50 17.26
C GLN B 3 3.39 -12.40 18.44
N LEU B 4 2.61 -11.32 18.47
CA LEU B 4 1.46 -11.20 19.35
C LEU B 4 0.20 -11.35 18.51
N VAL B 5 -0.87 -11.82 19.13
CA VAL B 5 -2.15 -11.93 18.44
C VAL B 5 -2.85 -10.58 18.50
N GLU B 6 -3.18 -10.04 17.32
CA GLU B 6 -3.81 -8.73 17.20
C GLU B 6 -5.28 -8.90 16.84
N SER B 7 -6.14 -8.09 17.47
CA SER B 7 -7.57 -8.20 17.27
C SER B 7 -8.22 -6.84 17.43
N GLY B 8 -9.41 -6.70 16.87
CA GLY B 8 -10.27 -5.58 17.15
C GLY B 8 -10.39 -4.50 16.08
N GLY B 9 -10.18 -4.83 14.82
CA GLY B 9 -10.36 -3.88 13.74
C GLY B 9 -11.79 -3.82 13.26
N GLY B 10 -11.98 -3.43 12.00
CA GLY B 10 -13.27 -3.50 11.35
C GLY B 10 -13.72 -2.17 10.80
N LEU B 11 -15.01 -2.12 10.48
CA LEU B 11 -15.67 -0.98 9.85
C LEU B 11 -16.49 -0.21 10.89
N ILE B 12 -16.59 1.10 10.68
CA ILE B 12 -17.45 1.95 11.51
C ILE B 12 -17.69 3.26 10.77
N LYS B 13 -18.72 3.99 11.20
CA LYS B 13 -19.04 5.32 10.71
C LYS B 13 -18.27 6.37 11.49
N PRO B 14 -18.09 7.57 10.93
CA PRO B 14 -17.39 8.63 11.66
C PRO B 14 -18.05 8.92 13.00
N GLY B 15 -17.22 9.18 14.01
CA GLY B 15 -17.69 9.40 15.36
C GLY B 15 -17.81 8.16 16.20
N GLY B 16 -17.67 6.97 15.62
CA GLY B 16 -17.78 5.73 16.34
C GLY B 16 -16.53 5.42 17.14
N SER B 17 -16.50 4.19 17.67
CA SER B 17 -15.42 3.75 18.53
C SER B 17 -15.08 2.29 18.24
N LEU B 18 -13.77 2.00 18.23
CA LEU B 18 -13.27 0.64 18.11
C LEU B 18 -12.08 0.49 19.04
N ARG B 19 -11.78 -0.75 19.41
CA ARG B 19 -10.67 -1.06 20.30
C ARG B 19 -9.80 -2.14 19.67
N LEU B 20 -8.52 -1.83 19.49
CA LEU B 20 -7.53 -2.80 19.07
C LEU B 20 -6.78 -3.34 20.27
N SER B 21 -6.14 -4.50 20.10
CA SER B 21 -5.40 -5.11 21.19
C SER B 21 -4.40 -6.12 20.65
N CYS B 22 -3.33 -6.33 21.40
CA CYS B 22 -2.34 -7.36 21.13
C CYS B 22 -2.01 -8.08 22.42
N ALA B 23 -2.10 -9.40 22.41
CA ALA B 23 -1.84 -10.21 23.59
C ALA B 23 -0.87 -11.33 23.23
N ALA B 24 -0.26 -11.90 24.27
CA ALA B 24 0.60 -13.07 24.10
C ALA B 24 -0.25 -14.33 24.23
N SER B 25 -0.02 -15.27 23.33
CA SER B 25 -0.82 -16.50 23.24
C SER B 25 0.02 -17.66 23.75
N GLY B 26 -0.11 -17.97 25.03
CA GLY B 26 0.55 -19.12 25.62
C GLY B 26 1.88 -18.85 26.26
N PHE B 27 2.32 -17.59 26.33
CA PHE B 27 3.59 -17.26 26.95
C PHE B 27 3.47 -15.90 27.62
N THR B 28 4.47 -15.57 28.42
CA THR B 28 4.52 -14.30 29.14
C THR B 28 5.53 -13.37 28.48
N VAL B 29 5.08 -12.17 28.13
CA VAL B 29 5.92 -11.20 27.46
C VAL B 29 6.83 -10.52 28.47
N SER B 30 8.11 -10.39 28.12
CA SER B 30 9.00 -9.53 28.88
C SER B 30 8.54 -8.08 28.70
N TYR B 31 8.00 -7.49 29.77
CA TYR B 31 7.31 -6.22 29.66
C TYR B 31 8.28 -5.10 29.27
N GLU B 32 7.96 -4.39 28.21
CA GLU B 32 8.76 -3.28 27.73
C GLU B 32 7.85 -2.30 26.99
N SER B 33 8.45 -1.23 26.47
CA SER B 33 7.68 -0.21 25.78
C SER B 33 7.01 -0.79 24.54
N MET B 34 5.82 -0.27 24.24
CA MET B 34 5.03 -0.73 23.11
C MET B 34 4.48 0.47 22.35
N GLY B 35 4.35 0.32 21.04
CA GLY B 35 3.83 1.38 20.19
C GLY B 35 2.87 0.84 19.16
N TRP B 36 2.14 1.76 18.54
CA TRP B 36 1.20 1.44 17.48
C TRP B 36 1.55 2.25 16.24
N VAL B 37 1.70 1.56 15.11
CA VAL B 37 1.99 2.18 13.83
C VAL B 37 0.82 1.94 12.90
N ARG B 38 0.46 2.96 12.12
CA ARG B 38 -0.61 2.83 11.13
C ARG B 38 -0.10 3.32 9.78
N GLN B 39 -0.78 2.88 8.73
CA GLN B 39 -0.42 3.23 7.36
C GLN B 39 -1.70 3.41 6.56
N ALA B 40 -2.03 4.65 6.23
CA ALA B 40 -3.18 4.92 5.38
C ALA B 40 -2.91 4.41 3.97
N PRO B 41 -3.95 4.04 3.23
CA PRO B 41 -3.74 3.51 1.88
C PRO B 41 -3.00 4.49 0.99
N GLY B 42 -1.91 4.02 0.39
CA GLY B 42 -1.11 4.83 -0.51
C GLY B 42 -0.18 5.81 0.15
N LYS B 43 -0.14 5.87 1.48
CA LYS B 43 0.71 6.79 2.21
C LYS B 43 1.70 6.03 3.07
N GLY B 44 2.61 6.77 3.70
CA GLY B 44 3.66 6.18 4.50
C GLY B 44 3.23 5.82 5.90
N LEU B 45 4.20 5.34 6.67
CA LEU B 45 3.97 4.94 8.05
C LEU B 45 3.99 6.16 8.97
N GLU B 46 3.32 6.01 10.12
CA GLU B 46 3.35 7.05 11.14
C GLU B 46 3.05 6.42 12.49
N TRP B 47 3.68 6.95 13.52
CA TRP B 47 3.40 6.53 14.89
C TRP B 47 2.17 7.24 15.41
N VAL B 48 1.29 6.49 16.07
CA VAL B 48 0.07 7.05 16.62
C VAL B 48 0.08 7.11 18.14
N SER B 49 0.76 6.20 18.81
CA SER B 49 0.78 6.18 20.27
C SER B 49 1.86 5.22 20.73
N ALA B 50 2.42 5.51 21.91
CA ALA B 50 3.39 4.64 22.55
C ALA B 50 3.13 4.65 24.05
N ILE B 51 3.53 3.58 24.72
CA ILE B 51 3.34 3.43 26.16
C ILE B 51 4.57 2.78 26.75
N SER B 52 4.98 3.24 27.93
CA SER B 52 6.19 2.73 28.57
C SER B 52 5.96 1.31 29.09
N SER B 53 7.02 0.72 29.63
CA SER B 53 6.96 -0.64 30.13
C SER B 53 5.95 -0.76 31.27
N SER B 54 6.01 0.16 32.23
CA SER B 54 5.10 0.14 33.38
C SER B 54 3.69 0.61 33.03
N GLY B 55 3.50 1.24 31.87
CA GLY B 55 2.19 1.70 31.46
C GLY B 55 1.79 3.07 31.97
N GLY B 56 2.72 3.81 32.56
CA GLY B 56 2.39 5.10 33.13
C GLY B 56 2.65 6.29 32.23
N SER B 57 3.58 6.13 31.30
CA SER B 57 3.95 7.20 30.37
C SER B 57 3.41 6.87 28.99
N THR B 58 2.68 7.82 28.40
CA THR B 58 2.00 7.59 27.14
C THR B 58 2.29 8.74 26.17
N TYR B 59 2.61 8.40 24.93
CA TYR B 59 2.72 9.36 23.84
C TYR B 59 1.47 9.28 22.97
N TYR B 60 1.15 10.39 22.32
CA TYR B 60 0.11 10.41 21.30
C TYR B 60 0.50 11.39 20.21
N ALA B 61 0.19 11.03 18.96
CA ALA B 61 0.36 11.95 17.86
C ALA B 61 -0.68 13.06 17.93
N ASP B 62 -0.36 14.20 17.31
CA ASP B 62 -1.20 15.39 17.45
C ASP B 62 -2.56 15.20 16.78
N SER B 63 -2.59 14.53 15.64
CA SER B 63 -3.87 14.25 14.99
C SER B 63 -4.67 13.16 15.67
N VAL B 64 -4.36 12.79 16.91
CA VAL B 64 -4.90 11.58 17.52
C VAL B 64 -5.23 11.85 18.98
N LYS B 65 -4.55 12.81 19.59
CA LYS B 65 -4.72 13.08 21.01
C LYS B 65 -6.18 13.38 21.34
N GLY B 66 -6.59 12.95 22.53
CA GLY B 66 -7.94 13.15 22.99
C GLY B 66 -8.89 12.07 22.51
N ARG B 67 -8.73 11.65 21.25
CA ARG B 67 -9.64 10.65 20.68
C ARG B 67 -9.17 9.24 20.98
N PHE B 68 -7.86 9.01 20.99
CA PHE B 68 -7.30 7.69 21.22
C PHE B 68 -6.79 7.56 22.65
N THR B 69 -6.67 6.33 23.11
CA THR B 69 -6.16 6.05 24.45
C THR B 69 -5.43 4.71 24.41
N ILE B 70 -4.14 4.73 24.72
CA ILE B 70 -3.34 3.52 24.81
C ILE B 70 -3.28 3.08 26.27
N SER B 71 -3.23 1.78 26.48
CA SER B 71 -3.16 1.22 27.83
C SER B 71 -2.66 -0.22 27.72
N ARG B 72 -2.34 -0.81 28.86
CA ARG B 72 -1.84 -2.17 28.88
C ARG B 72 -2.19 -2.83 30.21
N ASP B 73 -2.54 -4.11 30.14
CA ASP B 73 -2.74 -4.95 31.32
C ASP B 73 -1.59 -5.97 31.32
N ASN B 74 -0.55 -5.67 32.10
CA ASN B 74 0.61 -6.55 32.12
C ASN B 74 0.29 -7.90 32.74
N SER B 75 -0.73 -7.96 33.61
CA SER B 75 -1.17 -9.24 34.14
C SER B 75 -1.76 -10.14 33.06
N LYS B 76 -2.25 -9.55 31.97
CA LYS B 76 -2.81 -10.31 30.86
C LYS B 76 -1.91 -10.31 29.62
N ASN B 77 -0.72 -9.71 29.71
CA ASN B 77 0.21 -9.62 28.59
C ASN B 77 -0.43 -8.96 27.38
N THR B 78 -1.22 -7.91 27.62
CA THR B 78 -2.03 -7.29 26.58
C THR B 78 -1.85 -5.78 26.60
N VAL B 79 -1.68 -5.19 25.42
CA VAL B 79 -1.71 -3.75 25.24
C VAL B 79 -2.95 -3.42 24.41
N TYR B 80 -3.55 -2.27 24.72
CA TYR B 80 -4.78 -1.86 24.07
C TYR B 80 -4.60 -0.51 23.39
N LEU B 81 -5.52 -0.21 22.46
CA LEU B 81 -5.57 1.08 21.78
C LEU B 81 -7.04 1.42 21.57
N GLN B 82 -7.63 2.09 22.57
CA GLN B 82 -9.02 2.53 22.47
C GLN B 82 -9.09 3.74 21.56
N MET B 83 -9.84 3.63 20.47
CA MET B 83 -10.00 4.70 19.50
C MET B 83 -11.44 5.18 19.53
N ASN B 84 -11.63 6.47 19.79
CA ASN B 84 -12.95 7.07 19.87
C ASN B 84 -13.04 8.25 18.92
N SER B 85 -14.28 8.62 18.60
CA SER B 85 -14.58 9.73 17.68
C SER B 85 -13.78 9.60 16.39
N LEU B 86 -13.83 8.40 15.81
CA LEU B 86 -13.02 8.09 14.63
C LEU B 86 -13.45 8.94 13.44
N ARG B 87 -12.47 9.34 12.64
CA ARG B 87 -12.69 10.13 11.44
C ARG B 87 -12.17 9.37 10.22
N ALA B 88 -12.49 9.89 9.04
CA ALA B 88 -12.02 9.28 7.80
C ALA B 88 -10.51 9.35 7.67
N GLU B 89 -9.86 10.27 8.39
CA GLU B 89 -8.40 10.32 8.40
C GLU B 89 -7.78 9.15 9.15
N ASP B 90 -8.58 8.39 9.91
CA ASP B 90 -8.08 7.26 10.68
C ASP B 90 -8.15 5.94 9.95
N THR B 91 -8.68 5.92 8.72
CA THR B 91 -8.76 4.69 7.94
C THR B 91 -7.35 4.27 7.54
N ALA B 92 -6.89 3.15 8.10
CA ALA B 92 -5.52 2.69 7.88
C ALA B 92 -5.40 1.27 8.42
N VAL B 93 -4.23 0.67 8.17
CA VAL B 93 -3.84 -0.61 8.75
C VAL B 93 -2.95 -0.34 9.94
N TYR B 94 -3.32 -0.87 11.10
CA TYR B 94 -2.62 -0.59 12.35
C TYR B 94 -1.75 -1.77 12.74
N TYR B 95 -0.51 -1.48 13.13
CA TYR B 95 0.47 -2.49 13.50
C TYR B 95 0.80 -2.38 15.00
N CYS B 96 1.48 -3.41 15.50
CA CYS B 96 1.75 -3.56 16.93
C CYS B 96 3.24 -3.74 17.18
N VAL B 97 4.03 -2.79 16.70
CA VAL B 97 5.49 -2.92 16.76
C VAL B 97 5.99 -2.53 18.14
N THR B 98 7.16 -3.06 18.49
CA THR B 98 7.81 -2.46 19.65
C THR B 98 8.75 -1.34 19.20
N PRO B 99 8.82 -0.27 19.98
CA PRO B 99 9.64 0.89 19.57
C PRO B 99 11.13 0.58 19.60
N GLU B 100 11.88 1.46 18.94
CA GLU B 100 13.34 1.45 18.99
C GLU B 100 13.77 2.62 19.86
N ARG B 101 14.25 2.31 21.06
CA ARG B 101 14.67 3.32 22.02
C ARG B 101 16.15 3.61 21.93
N GLN B 102 16.55 4.73 22.52
CA GLN B 102 17.96 5.00 22.78
C GLN B 102 18.43 4.02 23.84
N CYS B 103 19.14 2.99 23.41
CA CYS B 103 19.35 1.81 24.27
C CYS B 103 20.47 2.05 25.28
N LYS B 104 21.72 2.11 24.81
CA LYS B 104 22.89 2.33 25.63
C LYS B 104 23.12 1.18 26.61
N GLN B 105 22.58 -0.01 26.33
CA GLN B 105 22.59 -1.09 27.30
C GLN B 105 22.60 -2.44 26.57
N SER B 106 23.21 -3.44 27.19
CA SER B 106 23.13 -4.79 26.65
C SER B 106 21.76 -5.42 26.85
N THR B 107 20.91 -4.80 27.68
CA THR B 107 19.54 -5.27 27.87
C THR B 107 18.57 -4.70 26.85
N CYS B 108 18.79 -3.44 26.44
CA CYS B 108 17.95 -2.85 25.40
C CYS B 108 18.34 -3.31 24.00
N TYR B 109 19.57 -3.80 23.83
CA TYR B 109 19.99 -4.29 22.52
C TYR B 109 19.24 -5.57 22.14
N ALA B 110 19.41 -6.62 22.96
CA ALA B 110 18.85 -7.93 22.67
C ALA B 110 17.48 -8.14 23.31
N ARG B 111 16.73 -7.07 23.55
CA ARG B 111 15.38 -7.24 24.06
C ARG B 111 14.49 -7.85 22.98
N PRO B 112 13.54 -8.71 23.36
CA PRO B 112 12.67 -9.33 22.36
C PRO B 112 11.77 -8.29 21.71
N ARG B 113 11.72 -8.32 20.37
CA ARG B 113 10.85 -7.43 19.61
C ARG B 113 9.55 -8.14 19.30
N TYR B 114 8.43 -7.47 19.58
CA TYR B 114 7.10 -8.03 19.41
C TYR B 114 6.37 -7.32 18.29
N TRP B 115 5.65 -8.09 17.47
CA TRP B 115 4.95 -7.55 16.31
C TRP B 115 3.53 -8.10 16.24
N GLY B 116 2.65 -7.30 15.65
CA GLY B 116 1.29 -7.72 15.39
C GLY B 116 1.02 -7.90 13.90
N GLN B 117 -0.04 -8.64 13.58
CA GLN B 117 -0.30 -8.98 12.17
C GLN B 117 -0.63 -7.74 11.34
N GLY B 118 -1.45 -6.84 11.87
CA GLY B 118 -1.85 -5.66 11.14
C GLY B 118 -3.31 -5.71 10.74
N THR B 119 -4.16 -5.01 11.48
CA THR B 119 -5.60 -5.03 11.27
C THR B 119 -6.06 -3.74 10.60
N MET B 120 -7.08 -3.87 9.76
CA MET B 120 -7.61 -2.75 9.00
C MET B 120 -8.72 -2.07 9.79
N VAL B 121 -8.63 -0.75 9.92
CA VAL B 121 -9.68 0.08 10.51
C VAL B 121 -10.22 0.96 9.40
N THR B 122 -11.52 0.84 9.13
CA THR B 122 -12.17 1.58 8.05
C THR B 122 -13.26 2.45 8.64
N VAL B 123 -13.18 3.75 8.38
CA VAL B 123 -14.16 4.72 8.86
C VAL B 123 -14.85 5.28 7.62
N SER B 124 -16.08 4.82 7.38
CA SER B 124 -16.83 5.22 6.20
C SER B 124 -18.27 5.54 6.59
N SER B 125 -18.78 6.65 6.05
CA SER B 125 -20.16 7.06 6.27
C SER B 125 -21.12 6.48 5.24
N ALA B 126 -20.64 5.59 4.38
CA ALA B 126 -21.48 4.98 3.37
C ALA B 126 -22.00 3.62 3.85
N SER B 127 -22.94 3.08 3.09
CA SER B 127 -23.49 1.75 3.36
C SER B 127 -23.97 1.17 2.04
N THR B 128 -24.88 0.20 2.12
CA THR B 128 -25.23 -0.64 0.97
C THR B 128 -25.70 0.20 -0.22
N LYS B 129 -24.99 0.04 -1.34
CA LYS B 129 -25.32 0.76 -2.57
C LYS B 129 -24.88 -0.08 -3.76
N GLY B 130 -25.75 -0.19 -4.75
CA GLY B 130 -25.43 -0.89 -5.98
C GLY B 130 -24.42 -0.14 -6.81
N PRO B 131 -23.72 -0.85 -7.70
CA PRO B 131 -22.66 -0.22 -8.48
C PRO B 131 -23.18 0.49 -9.72
N SER B 132 -22.37 1.43 -10.19
CA SER B 132 -22.60 2.10 -11.47
C SER B 132 -21.57 1.57 -12.45
N VAL B 133 -22.04 0.88 -13.49
CA VAL B 133 -21.17 0.20 -14.43
C VAL B 133 -21.05 1.03 -15.70
N PHE B 134 -19.81 1.39 -16.06
CA PHE B 134 -19.52 2.18 -17.23
C PHE B 134 -18.69 1.36 -18.22
N PRO B 135 -18.98 1.46 -19.52
CA PRO B 135 -18.21 0.69 -20.51
C PRO B 135 -16.90 1.39 -20.86
N LEU B 136 -15.80 0.65 -20.72
CA LEU B 136 -14.49 1.12 -21.21
C LEU B 136 -14.34 0.61 -22.63
N ALA B 137 -14.73 1.45 -23.59
CA ALA B 137 -14.82 1.04 -24.98
C ALA B 137 -13.44 0.75 -25.56
N PRO B 138 -13.37 -0.09 -26.60
CA PRO B 138 -12.11 -0.28 -27.32
C PRO B 138 -11.67 1.01 -28.00
N SER B 139 -10.45 0.97 -28.55
CA SER B 139 -9.83 2.15 -29.10
C SER B 139 -9.97 2.21 -30.61
N SER B 140 -9.59 3.36 -31.17
CA SER B 140 -9.59 3.55 -32.62
C SER B 140 -8.65 2.59 -33.34
N LYS B 141 -7.75 1.94 -32.63
CA LYS B 141 -6.66 1.18 -33.21
C LYS B 141 -6.92 -0.31 -32.96
N SER B 142 -7.21 -1.05 -34.02
CA SER B 142 -7.50 -2.48 -33.94
C SER B 142 -6.75 -3.19 -35.07
N THR B 143 -5.64 -3.86 -34.72
CA THR B 143 -4.99 -4.72 -35.69
C THR B 143 -5.80 -6.00 -35.88
N SER B 144 -5.89 -6.45 -37.12
CA SER B 144 -6.58 -7.70 -37.41
C SER B 144 -5.85 -8.93 -36.85
N GLY B 145 -4.77 -8.76 -36.09
CA GLY B 145 -4.19 -9.87 -35.34
C GLY B 145 -4.97 -10.10 -34.07
N GLY B 146 -4.60 -9.39 -33.00
CA GLY B 146 -5.35 -9.43 -31.76
C GLY B 146 -5.59 -8.03 -31.21
N THR B 147 -4.73 -7.61 -30.27
CA THR B 147 -4.68 -6.28 -29.67
C THR B 147 -6.01 -5.53 -29.62
N ALA B 148 -6.97 -6.04 -28.84
CA ALA B 148 -8.20 -5.30 -28.57
C ALA B 148 -8.55 -5.51 -27.10
N ALA B 149 -8.38 -4.46 -26.31
CA ALA B 149 -8.63 -4.50 -24.87
C ALA B 149 -9.84 -3.62 -24.55
N LEU B 150 -10.90 -4.24 -24.03
CA LEU B 150 -12.07 -3.53 -23.54
C LEU B 150 -12.28 -3.89 -22.08
N GLY B 151 -13.03 -3.04 -21.39
CA GLY B 151 -13.32 -3.28 -19.98
C GLY B 151 -14.60 -2.58 -19.58
N CYS B 152 -14.97 -2.76 -18.32
CA CYS B 152 -16.12 -2.07 -17.78
C CYS B 152 -15.81 -1.59 -16.36
N LEU B 153 -16.09 -0.32 -16.11
CA LEU B 153 -15.78 0.32 -14.85
C LEU B 153 -16.94 0.14 -13.86
N VAL B 154 -16.62 -0.31 -12.65
CA VAL B 154 -17.59 -0.57 -11.60
C VAL B 154 -17.36 0.48 -10.52
N LYS B 155 -18.20 1.52 -10.51
CA LYS B 155 -17.93 2.71 -9.70
C LYS B 155 -18.96 2.88 -8.59
N ASP B 156 -18.47 3.24 -7.40
CA ASP B 156 -19.29 3.74 -6.29
C ASP B 156 -20.29 2.68 -5.81
N TYR B 157 -19.76 1.56 -5.36
CA TYR B 157 -20.55 0.51 -4.74
C TYR B 157 -20.07 0.28 -3.32
N PHE B 158 -20.91 -0.36 -2.52
CA PHE B 158 -20.63 -0.60 -1.12
C PHE B 158 -21.57 -1.67 -0.57
N PRO B 159 -21.05 -2.69 0.14
CA PRO B 159 -19.61 -2.90 0.33
C PRO B 159 -19.07 -4.02 -0.53
N GLU B 160 -17.81 -4.39 -0.31
CA GLU B 160 -17.25 -5.57 -0.93
C GLU B 160 -18.10 -6.78 -0.57
N PRO B 161 -18.17 -7.81 -1.45
CA PRO B 161 -17.50 -7.96 -2.74
C PRO B 161 -18.40 -7.68 -3.95
N VAL B 162 -17.80 -7.79 -5.13
CA VAL B 162 -18.52 -7.73 -6.40
C VAL B 162 -17.92 -8.77 -7.33
N THR B 163 -18.79 -9.55 -7.98
CA THR B 163 -18.36 -10.64 -8.85
C THR B 163 -18.51 -10.20 -10.30
N VAL B 164 -17.40 -10.27 -11.05
CA VAL B 164 -17.38 -9.83 -12.44
C VAL B 164 -17.11 -11.02 -13.35
N SER B 165 -17.87 -11.11 -14.43
CA SER B 165 -17.66 -12.12 -15.46
C SER B 165 -18.01 -11.51 -16.81
N TRP B 166 -17.68 -12.22 -17.87
CA TRP B 166 -17.88 -11.73 -19.24
C TRP B 166 -18.73 -12.72 -20.03
N ASN B 167 -19.82 -12.21 -20.61
CA ASN B 167 -20.72 -13.00 -21.44
C ASN B 167 -21.26 -14.22 -20.69
N SER B 168 -21.63 -14.00 -19.42
CA SER B 168 -22.17 -15.05 -18.55
C SER B 168 -21.20 -16.23 -18.45
N GLY B 169 -19.92 -15.92 -18.22
CA GLY B 169 -18.91 -16.93 -18.05
C GLY B 169 -18.47 -17.64 -19.31
N ALA B 170 -19.02 -17.29 -20.48
CA ALA B 170 -18.54 -17.87 -21.73
C ALA B 170 -17.10 -17.44 -22.00
N LEU B 171 -16.88 -16.14 -22.07
CA LEU B 171 -15.55 -15.58 -22.23
C LEU B 171 -14.80 -15.68 -20.89
N THR B 172 -13.64 -16.35 -20.90
CA THR B 172 -12.78 -16.40 -19.71
C THR B 172 -11.31 -16.21 -20.01
N SER B 173 -10.88 -16.28 -21.27
CA SER B 173 -9.46 -16.17 -21.58
C SER B 173 -9.05 -14.69 -21.60
N GLY B 174 -8.18 -14.30 -20.67
CA GLY B 174 -7.53 -13.01 -20.70
C GLY B 174 -8.18 -11.89 -19.92
N VAL B 175 -9.06 -12.18 -18.97
CA VAL B 175 -9.71 -11.13 -18.19
C VAL B 175 -8.88 -10.86 -16.94
N HIS B 176 -8.80 -9.58 -16.57
CA HIS B 176 -8.09 -9.13 -15.36
C HIS B 176 -9.06 -8.21 -14.63
N THR B 177 -9.81 -8.77 -13.68
CA THR B 177 -10.72 -7.98 -12.84
C THR B 177 -9.92 -7.54 -11.62
N PHE B 178 -9.53 -6.28 -11.61
CA PHE B 178 -8.56 -5.79 -10.65
C PHE B 178 -9.17 -5.66 -9.26
N PRO B 179 -8.35 -5.69 -8.21
CA PRO B 179 -8.84 -5.42 -6.86
C PRO B 179 -9.43 -4.01 -6.77
N ALA B 180 -10.33 -3.84 -5.79
CA ALA B 180 -11.07 -2.60 -5.66
C ALA B 180 -10.27 -1.57 -4.87
N VAL B 181 -10.64 -0.30 -5.06
CA VAL B 181 -10.01 0.82 -4.39
C VAL B 181 -11.05 1.53 -3.54
N LEU B 182 -10.64 1.97 -2.35
CA LEU B 182 -11.47 2.81 -1.50
C LEU B 182 -11.11 4.26 -1.76
N GLN B 183 -12.12 5.09 -2.03
CA GLN B 183 -11.93 6.48 -2.36
C GLN B 183 -12.46 7.38 -1.25
N SER B 184 -12.32 8.69 -1.46
CA SER B 184 -12.70 9.69 -0.46
C SER B 184 -14.20 9.75 -0.21
N SER B 185 -15.01 8.99 -0.94
CA SER B 185 -16.44 8.93 -0.70
C SER B 185 -16.84 7.78 0.21
N GLY B 186 -15.90 6.93 0.60
CA GLY B 186 -16.22 5.74 1.37
C GLY B 186 -16.70 4.57 0.56
N LEU B 187 -16.85 4.72 -0.75
CA LEU B 187 -17.34 3.67 -1.62
C LEU B 187 -16.17 2.98 -2.34
N TYR B 188 -16.44 1.78 -2.83
CA TYR B 188 -15.47 0.99 -3.57
C TYR B 188 -15.65 1.18 -5.07
N SER B 189 -14.60 0.85 -5.83
CA SER B 189 -14.64 0.94 -7.27
C SER B 189 -13.57 0.01 -7.84
N LEU B 190 -13.90 -0.68 -8.92
CA LEU B 190 -12.92 -1.50 -9.64
C LEU B 190 -13.31 -1.54 -11.11
N SER B 191 -12.45 -2.17 -11.90
CA SER B 191 -12.71 -2.38 -13.33
C SER B 191 -12.19 -3.75 -13.72
N SER B 192 -12.72 -4.26 -14.83
CA SER B 192 -12.39 -5.60 -15.32
C SER B 192 -12.19 -5.52 -16.81
N VAL B 193 -10.98 -5.82 -17.28
CA VAL B 193 -10.66 -5.78 -18.69
C VAL B 193 -10.53 -7.19 -19.24
N VAL B 194 -10.89 -7.34 -20.51
CA VAL B 194 -10.47 -8.47 -21.32
C VAL B 194 -9.72 -7.91 -22.52
N THR B 195 -8.77 -8.68 -23.03
CA THR B 195 -8.22 -8.40 -24.35
C THR B 195 -8.61 -9.51 -25.30
N VAL B 196 -9.07 -9.11 -26.48
CA VAL B 196 -9.89 -9.98 -27.33
C VAL B 196 -9.49 -9.79 -28.78
N PRO B 197 -9.62 -10.85 -29.59
CA PRO B 197 -9.34 -10.71 -31.03
C PRO B 197 -10.18 -9.59 -31.66
N SER B 198 -9.51 -8.75 -32.44
CA SER B 198 -10.17 -7.60 -33.05
C SER B 198 -11.04 -7.99 -34.24
N SER B 199 -10.80 -9.14 -34.85
CA SER B 199 -11.64 -9.55 -35.97
C SER B 199 -13.07 -9.85 -35.51
N SER B 200 -13.22 -10.28 -34.25
CA SER B 200 -14.54 -10.49 -33.68
C SER B 200 -15.22 -9.20 -33.26
N LEU B 201 -14.46 -8.11 -33.13
CA LEU B 201 -15.04 -6.83 -32.80
C LEU B 201 -15.97 -6.37 -33.92
N GLY B 202 -17.16 -5.90 -33.54
CA GLY B 202 -18.19 -5.55 -34.49
C GLY B 202 -19.12 -6.68 -34.85
N THR B 203 -18.68 -7.93 -34.72
CA THR B 203 -19.51 -9.11 -34.92
C THR B 203 -19.84 -9.84 -33.62
N GLN B 204 -18.85 -10.03 -32.75
CA GLN B 204 -19.10 -10.58 -31.43
C GLN B 204 -19.36 -9.44 -30.45
N THR B 205 -20.34 -9.66 -29.59
CA THR B 205 -20.79 -8.65 -28.63
C THR B 205 -20.43 -9.09 -27.21
N TYR B 206 -19.83 -8.18 -26.45
CA TYR B 206 -19.30 -8.50 -25.14
C TYR B 206 -20.05 -7.70 -24.08
N ILE B 207 -20.56 -8.40 -23.07
CA ILE B 207 -21.21 -7.79 -21.92
C ILE B 207 -20.60 -8.36 -20.65
N CYS B 208 -20.19 -7.49 -19.74
CA CYS B 208 -19.62 -7.91 -18.47
C CYS B 208 -20.71 -7.98 -17.41
N ASN B 209 -20.65 -9.02 -16.57
CA ASN B 209 -21.67 -9.29 -15.56
C ASN B 209 -21.12 -8.93 -14.19
N VAL B 210 -21.78 -7.98 -13.53
CA VAL B 210 -21.21 -7.28 -12.37
C VAL B 210 -22.15 -7.46 -11.19
N ASN B 211 -21.99 -8.53 -10.43
CA ASN B 211 -22.90 -8.80 -9.31
C ASN B 211 -22.40 -8.11 -8.05
N HIS B 212 -23.32 -7.44 -7.35
CA HIS B 212 -23.12 -6.91 -6.01
C HIS B 212 -24.27 -7.40 -5.14
N LYS B 213 -24.19 -8.68 -4.73
CA LYS B 213 -25.25 -9.26 -3.91
C LYS B 213 -25.46 -8.57 -2.56
N PRO B 214 -24.45 -7.97 -1.92
CA PRO B 214 -24.73 -7.13 -0.74
C PRO B 214 -25.89 -6.15 -0.96
N SER B 215 -26.10 -5.68 -2.18
CA SER B 215 -27.27 -4.89 -2.53
C SER B 215 -28.23 -5.64 -3.44
N ASN B 216 -27.94 -6.91 -3.75
CA ASN B 216 -28.79 -7.74 -4.61
C ASN B 216 -28.98 -7.10 -5.99
N THR B 217 -27.87 -6.92 -6.70
CA THR B 217 -27.88 -6.20 -7.98
C THR B 217 -26.70 -6.64 -8.83
N LYS B 218 -26.98 -7.03 -10.07
CA LYS B 218 -25.95 -7.15 -11.10
C LYS B 218 -26.10 -5.99 -12.09
N VAL B 219 -25.17 -5.93 -13.04
CA VAL B 219 -25.35 -5.21 -14.31
C VAL B 219 -24.58 -5.99 -15.37
N ASP B 220 -25.23 -6.28 -16.50
CA ASP B 220 -24.54 -6.75 -17.70
C ASP B 220 -24.51 -5.60 -18.69
N LYS B 221 -23.31 -5.10 -18.98
CA LYS B 221 -23.21 -3.91 -19.82
C LYS B 221 -22.24 -4.11 -20.97
N LYS B 222 -22.72 -3.82 -22.17
CA LYS B 222 -22.01 -3.97 -23.42
C LYS B 222 -20.78 -3.06 -23.47
N VAL B 223 -19.83 -3.45 -24.32
CA VAL B 223 -18.63 -2.69 -24.57
C VAL B 223 -18.46 -2.56 -26.07
N GLU B 224 -19.21 -1.71 -26.66
CA GLU B 224 -19.17 -1.56 -28.10
C GLU B 224 -18.25 -0.41 -28.49
N PRO B 225 -17.68 -0.45 -29.69
CA PRO B 225 -16.87 0.69 -30.15
C PRO B 225 -17.75 1.91 -30.41
N LYS B 226 -17.16 3.07 -30.23
CA LYS B 226 -17.83 4.32 -30.59
C LYS B 226 -17.65 4.52 -32.09
#